data_1RPM
#
_entry.id   1RPM
#
_cell.length_a   95.538
_cell.length_b   36.292
_cell.length_c   95.381
_cell.angle_alpha   90.00
_cell.angle_beta   95.66
_cell.angle_gamma   90.00
#
_symmetry.space_group_name_H-M   'P 1 21 1'
#
loop_
_entity.id
_entity.type
_entity.pdbx_description
1 polymer 'RECEPTOR PROTEIN TYROSINE PHOSPHATASE MU'
2 water water
#
_entity_poly.entity_id   1
_entity_poly.type   'polypeptide(L)'
_entity_poly.pdbx_seq_one_letter_code
;AIRVADLLQHITQMKCAEGYGFKEEYESFFEGQSAPWDSAKKDENRMKNRYGNIIAYDHSRVRLQTIEGDTNSDYINGNY
IDGYHRPNHYIATQGPMQETIYDFWRMVWHENTASIIMVTNLVEVGRVKCCKYWPDDTEIYKDIKVTLIETELLAEYVIR
TFAVEKRGVHEIREIRQFHFTGWPDHGVPYHATGLLGFVRQVKSKSPPSAGPLVVHCSAGAGRTGCFIVIDIMLDMAERE
GVVDIYNCVRELRSRRVNMVQTEEQYVFIHDAILEACL
;
_entity_poly.pdbx_strand_id   A,B
#
# COMPACT_ATOMS: atom_id res chain seq x y z
N ALA A 1 30.05 -12.92 17.13
CA ALA A 1 29.02 -13.26 16.15
C ALA A 1 28.41 -14.59 16.54
N ILE A 2 27.13 -14.78 16.23
CA ILE A 2 26.44 -16.00 16.59
C ILE A 2 25.79 -16.54 15.36
N ARG A 3 26.05 -17.81 15.06
CA ARG A 3 25.43 -18.43 13.92
C ARG A 3 23.97 -18.46 14.31
N VAL A 4 23.06 -18.15 13.39
CA VAL A 4 21.64 -18.16 13.73
C VAL A 4 21.20 -19.51 14.29
N ALA A 5 22.04 -20.53 14.13
CA ALA A 5 21.72 -21.87 14.63
C ALA A 5 22.14 -22.10 16.08
N ASP A 6 23.03 -21.26 16.59
CA ASP A 6 23.47 -21.39 17.97
C ASP A 6 22.76 -20.31 18.78
N LEU A 7 21.98 -19.49 18.09
CA LEU A 7 21.25 -18.37 18.70
C LEU A 7 20.42 -18.73 19.91
N LEU A 8 19.66 -19.82 19.85
CA LEU A 8 18.85 -20.22 20.99
C LEU A 8 19.70 -20.63 22.18
N GLN A 9 20.79 -21.35 21.93
CA GLN A 9 21.67 -21.77 23.03
C GLN A 9 22.31 -20.51 23.62
N HIS A 10 22.77 -19.64 22.75
CA HIS A 10 23.39 -18.39 23.18
C HIS A 10 22.41 -17.57 24.03
N ILE A 11 21.23 -17.30 23.49
CA ILE A 11 20.26 -16.52 24.23
C ILE A 11 19.97 -17.19 25.57
N THR A 12 19.74 -18.50 25.56
CA THR A 12 19.44 -19.24 26.80
C THR A 12 20.50 -19.11 27.88
N GLN A 13 21.77 -19.33 27.53
CA GLN A 13 22.85 -19.20 28.49
C GLN A 13 22.91 -17.79 29.04
N MET A 14 22.72 -16.80 28.17
CA MET A 14 22.73 -15.39 28.58
C MET A 14 21.65 -15.07 29.61
N LYS A 15 20.56 -15.84 29.60
CA LYS A 15 19.47 -15.65 30.55
C LYS A 15 19.68 -16.32 31.91
N CYS A 16 20.65 -17.23 32.00
CA CYS A 16 20.94 -17.95 33.25
C CYS A 16 21.29 -17.01 34.39
N ALA A 17 20.90 -17.42 35.60
CA ALA A 17 21.12 -16.66 36.84
C ALA A 17 20.43 -15.30 36.76
N GLU A 18 19.16 -15.32 36.34
CA GLU A 18 18.36 -14.11 36.19
C GLU A 18 18.95 -13.20 35.09
N GLY A 19 19.53 -13.85 34.07
CA GLY A 19 20.14 -13.13 32.96
C GLY A 19 21.47 -12.48 33.28
N TYR A 20 22.36 -13.18 33.99
CA TYR A 20 23.65 -12.60 34.34
C TYR A 20 24.44 -12.22 33.10
N GLY A 21 24.45 -13.13 32.13
CA GLY A 21 25.15 -12.91 30.88
C GLY A 21 24.68 -11.63 30.21
N PHE A 22 23.36 -11.45 30.11
CA PHE A 22 22.80 -10.24 29.50
C PHE A 22 23.05 -8.99 30.35
N LYS A 23 22.88 -9.11 31.67
CA LYS A 23 23.09 -8.00 32.61
C LYS A 23 24.51 -7.46 32.49
N GLU A 24 25.47 -8.38 32.50
CA GLU A 24 26.88 -8.05 32.39
C GLU A 24 27.23 -7.53 30.99
N GLU A 25 26.64 -8.14 29.97
CA GLU A 25 26.89 -7.69 28.61
C GLU A 25 26.37 -6.28 28.42
N TYR A 26 25.13 -6.05 28.83
CA TYR A 26 24.54 -4.73 28.70
C TYR A 26 25.34 -3.68 29.47
N GLU A 27 25.88 -4.06 30.64
CA GLU A 27 26.65 -3.09 31.43
C GLU A 27 27.97 -2.72 30.78
N SER A 28 28.39 -3.53 29.81
CA SER A 28 29.63 -3.26 29.10
C SER A 28 29.49 -2.09 28.14
N PHE A 29 28.25 -1.77 27.74
CA PHE A 29 28.01 -0.64 26.84
C PHE A 29 28.31 0.68 27.56
N PHE A 30 28.63 1.74 26.83
CA PHE A 30 28.90 3.01 27.49
C PHE A 30 27.64 3.82 27.61
N GLU A 31 27.22 4.08 28.84
CA GLU A 31 26.03 4.85 29.07
C GLU A 31 26.41 6.32 29.12
N GLY A 32 25.74 7.14 28.33
CA GLY A 32 26.03 8.56 28.32
C GLY A 32 26.82 9.08 27.14
N GLN A 33 27.18 10.35 27.20
CA GLN A 33 27.94 11.04 26.16
C GLN A 33 29.34 10.46 25.96
N SER A 34 29.56 9.88 24.77
CA SER A 34 30.83 9.28 24.42
C SER A 34 31.52 10.04 23.27
N ALA A 35 30.96 11.19 22.90
CA ALA A 35 31.50 12.00 21.82
C ALA A 35 30.96 13.41 21.93
N PRO A 36 31.62 14.37 21.24
CA PRO A 36 31.20 15.77 21.26
C PRO A 36 29.83 16.01 20.64
N TRP A 37 29.16 17.03 21.15
CA TRP A 37 27.86 17.46 20.68
C TRP A 37 27.71 18.94 20.96
N ASP A 38 28.72 19.69 20.51
CA ASP A 38 28.81 21.14 20.67
C ASP A 38 27.66 21.91 20.07
N SER A 39 27.17 21.44 18.94
CA SER A 39 26.07 22.11 18.28
C SER A 39 24.78 21.80 19.01
N ALA A 40 24.63 20.56 19.45
CA ALA A 40 23.42 20.12 20.17
C ALA A 40 23.26 20.87 21.48
N LYS A 41 24.38 21.07 22.17
CA LYS A 41 24.36 21.75 23.46
C LYS A 41 24.46 23.26 23.36
N LYS A 42 24.30 23.83 22.16
CA LYS A 42 24.33 25.28 22.02
C LYS A 42 23.03 25.82 22.63
N ASP A 43 23.11 26.93 23.35
CA ASP A 43 21.91 27.48 23.99
C ASP A 43 20.79 27.79 23.00
N GLU A 44 21.18 28.24 21.83
CA GLU A 44 20.24 28.57 20.76
C GLU A 44 19.56 27.33 20.14
N ASN A 45 20.04 26.15 20.51
CA ASN A 45 19.45 24.88 20.04
C ASN A 45 18.75 24.17 21.17
N ARG A 46 18.76 24.79 22.34
CA ARG A 46 18.17 24.18 23.52
C ARG A 46 16.71 23.78 23.34
N MET A 47 15.92 24.61 22.68
CA MET A 47 14.51 24.33 22.47
C MET A 47 14.23 23.31 21.35
N LYS A 48 15.28 22.73 20.77
CA LYS A 48 15.09 21.76 19.69
C LYS A 48 15.37 20.35 20.18
N ASN A 49 15.74 20.27 21.45
CA ASN A 49 16.03 18.98 22.09
C ASN A 49 14.94 18.67 23.08
N ARG A 50 14.38 17.47 22.95
CA ARG A 50 13.29 17.00 23.80
C ARG A 50 13.85 16.64 25.18
N TYR A 51 14.86 15.77 25.21
CA TYR A 51 15.52 15.38 26.45
C TYR A 51 16.95 15.93 26.36
N GLY A 52 17.30 16.79 27.33
CA GLY A 52 18.61 17.42 27.35
C GLY A 52 19.81 16.49 27.37
N ASN A 53 19.59 15.27 27.82
CA ASN A 53 20.65 14.30 27.90
C ASN A 53 20.65 13.39 26.67
N ILE A 54 19.59 13.41 25.87
CA ILE A 54 19.56 12.57 24.68
C ILE A 54 19.62 13.52 23.49
N ILE A 55 20.83 14.01 23.20
CA ILE A 55 21.02 14.94 22.11
C ILE A 55 22.00 14.41 21.04
N ALA A 56 22.08 15.11 19.92
CA ALA A 56 22.89 14.70 18.76
C ALA A 56 24.39 15.00 18.64
N TYR A 57 25.18 13.92 18.52
CA TYR A 57 26.64 14.01 18.35
C TYR A 57 26.97 14.75 17.09
N ASP A 58 28.00 15.59 17.18
CA ASP A 58 28.49 16.40 16.04
C ASP A 58 28.84 15.58 14.78
N HIS A 59 29.69 14.57 14.96
CA HIS A 59 30.19 13.76 13.87
C HIS A 59 29.14 13.03 13.05
N SER A 60 27.96 12.80 13.60
CA SER A 60 26.96 12.08 12.85
C SER A 60 25.61 12.75 12.79
N ARG A 61 25.51 13.99 13.26
CA ARG A 61 24.21 14.65 13.24
C ARG A 61 23.76 14.96 11.82
N VAL A 62 22.44 15.00 11.63
CA VAL A 62 21.81 15.31 10.36
C VAL A 62 21.69 16.82 10.31
N ARG A 63 22.34 17.44 9.33
CA ARG A 63 22.31 18.88 9.19
C ARG A 63 21.14 19.31 8.34
N LEU A 64 20.61 20.48 8.67
CA LEU A 64 19.49 21.06 7.95
C LEU A 64 20.01 22.23 7.14
N GLN A 65 19.29 22.54 6.06
CA GLN A 65 19.65 23.65 5.22
C GLN A 65 19.34 24.88 6.06
N THR A 66 20.36 25.66 6.37
CA THR A 66 20.17 26.86 7.16
C THR A 66 19.12 27.74 6.50
N ILE A 67 18.07 28.03 7.26
CA ILE A 67 17.01 28.88 6.76
C ILE A 67 17.54 30.29 6.74
N GLU A 68 17.63 30.82 5.51
CA GLU A 68 18.09 32.16 5.20
C GLU A 68 18.10 33.17 6.36
N GLY A 69 19.28 33.69 6.64
CA GLY A 69 19.45 34.66 7.69
C GLY A 69 19.30 34.09 9.08
N ASP A 70 19.21 32.77 9.18
CA ASP A 70 19.05 32.13 10.48
C ASP A 70 20.21 31.19 10.82
N THR A 71 21.16 31.72 11.59
CA THR A 71 22.31 30.94 12.05
C THR A 71 21.68 29.93 13.04
N ASN A 72 22.30 28.77 13.20
CA ASN A 72 21.80 27.72 14.10
C ASN A 72 20.57 27.01 13.56
N SER A 73 20.07 27.42 12.39
CA SER A 73 18.91 26.76 11.80
C SER A 73 19.34 25.56 10.95
N ASP A 74 20.50 25.00 11.28
CA ASP A 74 21.04 23.84 10.58
C ASP A 74 20.97 22.61 11.50
N TYR A 75 20.33 22.78 12.66
CA TYR A 75 20.27 21.71 13.64
C TYR A 75 18.94 21.04 13.85
N ILE A 76 18.99 19.72 13.96
CA ILE A 76 17.84 18.88 14.28
C ILE A 76 18.45 17.81 15.18
N ASN A 77 17.74 17.44 16.24
CA ASN A 77 18.25 16.42 17.12
C ASN A 77 18.08 15.07 16.45
N GLY A 78 18.97 14.74 15.52
CA GLY A 78 18.87 13.47 14.82
C GLY A 78 20.23 13.04 14.34
N ASN A 79 20.46 11.74 14.25
CA ASN A 79 21.75 11.22 13.81
C ASN A 79 21.62 10.14 12.73
N TYR A 80 22.59 10.11 11.81
CA TYR A 80 22.65 9.10 10.75
C TYR A 80 23.20 7.81 11.33
N ILE A 81 22.71 6.69 10.82
CA ILE A 81 23.13 5.37 11.27
C ILE A 81 23.15 4.44 10.05
N ASP A 82 24.20 3.65 9.94
CA ASP A 82 24.34 2.75 8.81
C ASP A 82 23.42 1.55 8.89
N GLY A 83 23.06 1.04 7.71
CA GLY A 83 22.24 -0.14 7.56
C GLY A 83 23.22 -1.28 7.27
N TYR A 84 22.70 -2.50 7.08
CA TYR A 84 23.51 -3.70 6.81
C TYR A 84 24.71 -3.47 5.87
N HIS A 85 24.47 -2.93 4.69
CA HIS A 85 25.59 -2.63 3.78
C HIS A 85 25.22 -1.35 3.06
N ARG A 86 24.52 -0.48 3.78
CA ARG A 86 24.05 0.80 3.25
C ARG A 86 24.45 1.87 4.21
N PRO A 87 25.39 2.74 3.84
CA PRO A 87 25.79 3.81 4.76
C PRO A 87 24.63 4.79 5.00
N ASN A 88 24.48 5.24 6.25
CA ASN A 88 23.44 6.19 6.60
C ASN A 88 22.06 5.81 6.12
N HIS A 89 21.73 4.54 6.31
CA HIS A 89 20.43 4.04 5.90
C HIS A 89 19.30 4.54 6.83
N TYR A 90 19.63 4.95 8.06
CA TYR A 90 18.64 5.46 9.00
C TYR A 90 19.04 6.76 9.67
N ILE A 91 18.02 7.43 10.19
CA ILE A 91 18.18 8.66 10.92
C ILE A 91 17.40 8.44 12.21
N ALA A 92 18.12 8.35 13.32
CA ALA A 92 17.52 8.17 14.63
C ALA A 92 17.23 9.58 15.15
N THR A 93 15.97 9.87 15.43
CA THR A 93 15.57 11.20 15.92
C THR A 93 14.62 11.12 17.11
N GLN A 94 14.36 12.28 17.67
CA GLN A 94 13.43 12.44 18.77
C GLN A 94 12.03 12.66 18.16
N GLY A 95 10.99 12.45 18.97
CA GLY A 95 9.65 12.67 18.47
C GLY A 95 9.55 14.18 18.29
N PRO A 96 9.14 14.70 17.10
CA PRO A 96 9.06 16.14 16.93
C PRO A 96 8.35 16.83 18.09
N MET A 97 8.70 18.10 18.29
CA MET A 97 8.13 18.96 19.32
C MET A 97 7.40 19.99 18.47
N GLN A 98 6.49 20.74 19.06
CA GLN A 98 5.76 21.74 18.29
C GLN A 98 6.72 22.69 17.61
N GLU A 99 7.79 23.07 18.31
CA GLU A 99 8.80 23.98 17.77
C GLU A 99 9.61 23.36 16.63
N THR A 100 9.63 22.04 16.55
CA THR A 100 10.43 21.42 15.52
C THR A 100 9.65 20.64 14.46
N ILE A 101 8.34 20.87 14.35
CA ILE A 101 7.55 20.15 13.34
C ILE A 101 8.06 20.50 11.94
N TYR A 102 8.30 21.79 11.70
CA TYR A 102 8.82 22.23 10.42
C TYR A 102 10.22 21.68 10.09
N ASP A 103 11.13 21.70 11.07
CA ASP A 103 12.49 21.19 10.89
C ASP A 103 12.43 19.71 10.51
N PHE A 104 11.49 19.00 11.12
CA PHE A 104 11.29 17.57 10.86
C PHE A 104 10.88 17.34 9.40
N TRP A 105 9.86 18.05 8.95
CA TRP A 105 9.39 17.86 7.58
C TRP A 105 10.39 18.31 6.53
N ARG A 106 11.07 19.44 6.76
CA ARG A 106 12.07 19.90 5.81
C ARG A 106 13.23 18.92 5.75
N MET A 107 13.51 18.22 6.85
CA MET A 107 14.57 17.22 6.85
C MET A 107 14.11 16.04 5.99
N VAL A 108 12.89 15.57 6.28
CA VAL A 108 12.27 14.47 5.55
C VAL A 108 12.33 14.76 4.04
N TRP A 109 12.06 16.01 3.66
CA TRP A 109 12.06 16.39 2.25
C TRP A 109 13.47 16.39 1.69
N HIS A 110 14.35 17.12 2.34
CA HIS A 110 15.73 17.23 1.91
C HIS A 110 16.48 15.91 1.86
N GLU A 111 16.13 14.99 2.75
CA GLU A 111 16.78 13.67 2.79
C GLU A 111 16.11 12.68 1.85
N ASN A 112 15.06 13.15 1.18
CA ASN A 112 14.29 12.31 0.26
C ASN A 112 13.82 11.03 0.95
N THR A 113 13.38 11.17 2.21
CA THR A 113 12.86 10.04 3.00
C THR A 113 11.46 9.66 2.48
N ALA A 114 11.17 8.35 2.44
CA ALA A 114 9.87 7.86 1.97
C ALA A 114 9.09 7.18 3.06
N SER A 115 9.81 6.74 4.09
CA SER A 115 9.22 6.05 5.24
C SER A 115 9.64 6.68 6.58
N ILE A 116 8.64 6.94 7.41
CA ILE A 116 8.80 7.51 8.75
C ILE A 116 8.34 6.43 9.71
N ILE A 117 9.22 5.98 10.60
CA ILE A 117 8.88 4.96 11.57
C ILE A 117 8.70 5.62 12.94
N MET A 118 7.51 5.50 13.50
CA MET A 118 7.17 6.06 14.79
C MET A 118 6.91 4.87 15.70
N VAL A 119 7.76 4.69 16.71
CA VAL A 119 7.60 3.56 17.62
C VAL A 119 7.33 4.01 19.05
N THR A 120 6.42 4.97 19.18
CA THR A 120 6.00 5.47 20.48
C THR A 120 4.55 5.91 20.31
N ASN A 121 3.78 5.89 21.38
CA ASN A 121 2.41 6.38 21.33
C ASN A 121 2.49 7.86 21.70
N LEU A 122 1.49 8.64 21.34
CA LEU A 122 1.50 10.07 21.63
C LEU A 122 1.57 10.40 23.13
N VAL A 123 0.85 9.63 23.96
CA VAL A 123 0.92 9.85 25.40
C VAL A 123 1.00 8.49 26.06
N GLU A 124 1.92 8.35 27.01
CA GLU A 124 2.10 7.10 27.71
C GLU A 124 2.29 7.44 29.16
N VAL A 125 1.58 6.71 30.01
CA VAL A 125 1.59 6.89 31.46
C VAL A 125 1.31 8.37 31.81
N GLY A 126 0.41 8.99 31.05
CA GLY A 126 0.05 10.37 31.30
C GLY A 126 0.94 11.43 30.71
N ARG A 127 2.06 10.99 30.15
CA ARG A 127 3.03 11.90 29.56
C ARG A 127 2.98 11.98 28.02
N VAL A 128 3.07 13.21 27.52
CA VAL A 128 3.08 13.51 26.10
C VAL A 128 4.49 13.16 25.61
N LYS A 129 4.57 12.14 24.77
CA LYS A 129 5.82 11.63 24.23
C LYS A 129 6.27 12.21 22.90
N CYS A 130 5.35 12.81 22.17
CA CYS A 130 5.64 13.34 20.86
C CYS A 130 4.45 14.15 20.48
N CYS A 131 4.64 15.26 19.79
CA CYS A 131 3.49 16.05 19.37
C CYS A 131 2.91 15.44 18.06
N LYS A 132 1.64 15.72 17.76
CA LYS A 132 1.05 15.21 16.53
C LYS A 132 1.57 16.10 15.41
N TYR A 133 2.66 15.68 14.77
CA TYR A 133 3.32 16.44 13.71
C TYR A 133 2.73 16.24 12.30
N TRP A 134 1.72 15.39 12.18
CA TRP A 134 1.12 15.14 10.89
C TRP A 134 -0.33 15.59 10.93
N PRO A 135 -0.95 15.85 9.76
CA PRO A 135 -2.34 16.29 9.74
C PRO A 135 -3.36 15.17 9.60
N ASP A 136 -4.59 15.44 10.05
CA ASP A 136 -5.67 14.47 9.94
C ASP A 136 -6.32 14.54 8.57
N ASP A 137 -6.16 15.67 7.91
CA ASP A 137 -6.66 15.92 6.56
C ASP A 137 -5.47 16.49 5.78
N THR A 138 -5.24 17.79 5.92
CA THR A 138 -4.15 18.44 5.23
C THR A 138 -3.65 19.64 6.04
N GLU A 139 -2.38 19.95 5.87
CA GLU A 139 -1.77 21.06 6.57
C GLU A 139 -0.51 21.55 5.85
N ILE A 140 -0.31 22.85 5.90
CA ILE A 140 0.84 23.48 5.27
C ILE A 140 1.79 23.96 6.37
N TYR A 141 2.98 23.36 6.39
CA TYR A 141 4.02 23.69 7.34
C TYR A 141 5.03 24.57 6.62
N LYS A 142 4.76 25.87 6.62
CA LYS A 142 5.59 26.87 5.95
C LYS A 142 5.49 26.66 4.44
N ASP A 143 6.41 25.88 3.87
CA ASP A 143 6.37 25.64 2.42
C ASP A 143 6.19 24.17 2.06
N ILE A 144 5.95 23.34 3.07
CA ILE A 144 5.74 21.91 2.87
C ILE A 144 4.29 21.59 3.16
N LYS A 145 3.57 21.08 2.16
CA LYS A 145 2.18 20.71 2.32
C LYS A 145 2.10 19.20 2.53
N VAL A 146 1.36 18.77 3.53
CA VAL A 146 1.19 17.35 3.85
C VAL A 146 -0.30 16.98 3.85
N THR A 147 -0.68 16.02 2.99
CA THR A 147 -2.06 15.59 2.89
C THR A 147 -2.21 14.11 3.19
N LEU A 148 -3.04 13.79 4.18
CA LEU A 148 -3.32 12.42 4.57
C LEU A 148 -4.14 11.84 3.41
N ILE A 149 -3.62 10.74 2.83
CA ILE A 149 -4.20 10.09 1.66
C ILE A 149 -4.77 8.69 1.93
N GLU A 150 -4.37 8.10 3.04
CA GLU A 150 -4.89 6.80 3.43
C GLU A 150 -4.46 6.49 4.86
N THR A 151 -5.25 5.63 5.51
CA THR A 151 -4.99 5.18 6.88
C THR A 151 -5.37 3.71 6.90
N GLU A 152 -4.41 2.86 7.25
CA GLU A 152 -4.64 1.42 7.32
C GLU A 152 -4.33 0.94 8.74
N LEU A 153 -5.37 0.41 9.39
CA LEU A 153 -5.27 -0.05 10.73
C LEU A 153 -5.08 -1.54 10.79
N LEU A 154 -4.10 -1.93 11.57
CA LEU A 154 -3.80 -3.32 11.80
C LEU A 154 -3.66 -3.56 13.30
N ALA A 155 -3.50 -4.81 13.67
CA ALA A 155 -3.39 -5.22 15.07
C ALA A 155 -2.56 -4.31 15.97
N GLU A 156 -1.25 -4.22 15.70
CA GLU A 156 -0.38 -3.44 16.55
C GLU A 156 0.26 -2.23 15.89
N TYR A 157 -0.31 -1.78 14.79
CA TYR A 157 0.26 -0.62 14.13
C TYR A 157 -0.72 -0.07 13.13
N VAL A 158 -0.48 1.16 12.68
CA VAL A 158 -1.30 1.84 11.70
C VAL A 158 -0.35 2.35 10.61
N ILE A 159 -0.78 2.32 9.35
CA ILE A 159 0.05 2.88 8.29
C ILE A 159 -0.67 4.13 7.76
N ARG A 160 -0.05 5.31 7.89
CA ARG A 160 -0.62 6.54 7.38
C ARG A 160 0.14 6.93 6.11
N THR A 161 -0.55 7.08 4.99
CA THR A 161 0.08 7.43 3.73
C THR A 161 -0.15 8.88 3.43
N PHE A 162 0.89 9.61 3.03
CA PHE A 162 0.77 11.05 2.76
C PHE A 162 1.18 11.43 1.36
N ALA A 163 0.63 12.55 0.89
CA ALA A 163 0.94 13.13 -0.42
C ALA A 163 1.64 14.40 0.04
N VAL A 164 2.96 14.43 -0.09
CA VAL A 164 3.74 15.56 0.38
C VAL A 164 4.27 16.42 -0.76
N GLU A 165 4.16 17.73 -0.62
CA GLU A 165 4.54 18.69 -1.66
C GLU A 165 5.33 19.87 -1.13
N LYS A 166 6.27 20.37 -1.92
CA LYS A 166 7.09 21.52 -1.51
C LYS A 166 6.73 22.67 -2.45
N ARG A 167 6.70 23.91 -1.98
CA ARG A 167 6.35 25.03 -2.85
C ARG A 167 7.36 25.25 -3.97
N GLY A 168 6.84 25.39 -5.19
CA GLY A 168 7.67 25.62 -6.35
C GLY A 168 8.35 24.40 -6.92
N VAL A 169 8.17 23.24 -6.29
CA VAL A 169 8.79 22.01 -6.79
C VAL A 169 7.60 21.23 -7.31
N HIS A 170 7.54 21.03 -8.63
CA HIS A 170 6.46 20.29 -9.28
C HIS A 170 6.64 18.82 -9.07
N GLU A 171 6.29 18.38 -7.87
CA GLU A 171 6.43 16.99 -7.50
C GLU A 171 5.47 16.69 -6.34
N ILE A 172 5.03 15.45 -6.26
CA ILE A 172 4.13 14.99 -5.21
C ILE A 172 4.77 13.68 -4.79
N ARG A 173 5.18 13.58 -3.52
CA ARG A 173 5.83 12.38 -3.02
C ARG A 173 4.95 11.63 -2.05
N GLU A 174 4.97 10.31 -2.16
CA GLU A 174 4.21 9.49 -1.26
C GLU A 174 5.13 9.13 -0.13
N ILE A 175 4.78 9.55 1.08
CA ILE A 175 5.59 9.24 2.27
C ILE A 175 4.69 8.54 3.27
N ARG A 176 5.10 7.36 3.70
CA ARG A 176 4.32 6.59 4.66
C ARG A 176 4.92 6.64 6.05
N GLN A 177 4.04 6.79 7.05
CA GLN A 177 4.42 6.79 8.45
C GLN A 177 3.93 5.44 8.98
N PHE A 178 4.86 4.65 9.50
CA PHE A 178 4.56 3.34 10.05
C PHE A 178 4.58 3.58 11.56
N HIS A 179 3.39 3.68 12.14
CA HIS A 179 3.19 3.93 13.56
C HIS A 179 2.93 2.65 14.34
N PHE A 180 3.95 2.14 14.99
CA PHE A 180 3.79 0.94 15.81
C PHE A 180 3.14 1.41 17.14
N THR A 181 1.92 0.91 17.38
CA THR A 181 1.15 1.25 18.56
C THR A 181 1.17 0.11 19.58
N GLY A 182 1.80 -1.01 19.24
CA GLY A 182 1.81 -2.13 20.17
C GLY A 182 2.88 -2.21 21.24
N TRP A 183 3.60 -1.13 21.51
CA TRP A 183 4.61 -1.22 22.56
C TRP A 183 4.00 -0.82 23.88
N PRO A 184 4.09 -1.69 24.89
CA PRO A 184 3.54 -1.47 26.22
C PRO A 184 4.02 -0.24 27.00
N ASP A 185 3.12 0.26 27.83
CA ASP A 185 3.34 1.42 28.70
C ASP A 185 4.58 1.27 29.55
N HIS A 186 5.03 0.04 29.69
CA HIS A 186 6.19 -0.24 30.51
C HIS A 186 6.80 -1.53 29.97
N GLY A 187 8.10 -1.68 30.17
CA GLY A 187 8.78 -2.87 29.70
C GLY A 187 8.83 -2.90 28.20
N VAL A 188 8.82 -4.11 27.65
CA VAL A 188 8.90 -4.37 26.21
C VAL A 188 7.76 -5.34 25.85
N PRO A 189 7.45 -5.49 24.54
CA PRO A 189 6.38 -6.41 24.16
C PRO A 189 6.55 -7.83 24.70
N TYR A 190 5.42 -8.45 25.07
CA TYR A 190 5.37 -9.81 25.59
C TYR A 190 5.69 -10.80 24.46
N HIS A 191 5.33 -10.44 23.24
CA HIS A 191 5.62 -11.26 22.07
C HIS A 191 6.30 -10.31 21.09
N ALA A 192 7.39 -10.75 20.51
CA ALA A 192 8.09 -9.92 19.54
C ALA A 192 7.33 -10.02 18.21
N THR A 193 6.37 -10.94 18.14
CA THR A 193 5.59 -11.19 16.93
C THR A 193 5.07 -9.95 16.21
N GLY A 194 4.44 -9.06 16.96
CA GLY A 194 3.87 -7.85 16.37
C GLY A 194 4.89 -6.91 15.77
N LEU A 195 5.98 -6.65 16.49
CA LEU A 195 7.04 -5.77 16.01
C LEU A 195 7.75 -6.41 14.81
N LEU A 196 7.82 -7.75 14.80
CA LEU A 196 8.42 -8.49 13.70
C LEU A 196 7.56 -8.31 12.47
N GLY A 197 6.24 -8.41 12.66
CA GLY A 197 5.31 -8.21 11.56
C GLY A 197 5.46 -6.79 11.05
N PHE A 198 5.58 -5.82 11.94
CA PHE A 198 5.75 -4.39 11.61
C PHE A 198 7.03 -4.15 10.77
N VAL A 199 8.15 -4.77 11.18
CA VAL A 199 9.44 -4.64 10.48
C VAL A 199 9.34 -5.09 9.01
N ARG A 200 8.74 -6.26 8.78
CA ARG A 200 8.57 -6.81 7.42
C ARG A 200 7.69 -5.94 6.54
N GLN A 201 6.72 -5.26 7.15
CA GLN A 201 5.84 -4.36 6.42
C GLN A 201 6.69 -3.16 5.98
N VAL A 202 7.53 -2.66 6.88
CA VAL A 202 8.37 -1.54 6.53
C VAL A 202 9.36 -1.91 5.42
N LYS A 203 10.04 -3.05 5.58
CA LYS A 203 11.02 -3.53 4.59
C LYS A 203 10.37 -3.74 3.23
N SER A 204 9.22 -4.39 3.22
CA SER A 204 8.51 -4.67 1.98
C SER A 204 8.00 -3.43 1.29
N LYS A 205 7.36 -2.55 2.05
CA LYS A 205 6.81 -1.33 1.46
C LYS A 205 7.80 -0.21 1.10
N SER A 206 8.94 -0.15 1.78
CA SER A 206 9.93 0.89 1.52
C SER A 206 10.71 0.81 0.20
N PRO A 207 10.57 1.83 -0.67
CA PRO A 207 11.24 1.94 -1.97
C PRO A 207 12.76 1.89 -1.81
N PRO A 208 13.41 0.89 -2.43
CA PRO A 208 14.87 0.69 -2.38
C PRO A 208 15.68 1.81 -3.02
N SER A 209 14.96 2.80 -3.56
CA SER A 209 15.57 3.94 -4.21
C SER A 209 15.46 5.23 -3.38
N ALA A 210 14.73 5.20 -2.28
CA ALA A 210 14.57 6.41 -1.46
C ALA A 210 15.70 6.72 -0.47
N GLY A 211 15.58 7.86 0.19
CA GLY A 211 16.56 8.27 1.18
C GLY A 211 16.45 7.43 2.43
N PRO A 212 17.20 7.75 3.49
CA PRO A 212 17.17 7.01 4.74
C PRO A 212 15.81 6.99 5.45
N LEU A 213 15.57 5.92 6.20
CA LEU A 213 14.34 5.79 6.98
C LEU A 213 14.50 6.66 8.25
N VAL A 214 13.51 7.50 8.53
CA VAL A 214 13.52 8.34 9.72
C VAL A 214 12.82 7.52 10.80
N VAL A 215 13.54 7.21 11.87
CA VAL A 215 12.99 6.43 12.98
C VAL A 215 12.95 7.32 14.21
N HIS A 216 11.86 7.22 14.96
CA HIS A 216 11.74 8.00 16.18
C HIS A 216 10.74 7.41 17.14
N CYS A 217 11.00 7.66 18.41
CA CYS A 217 10.15 7.27 19.50
C CYS A 217 9.97 8.64 20.18
N SER A 218 10.27 8.76 21.46
CA SER A 218 10.16 10.03 22.17
C SER A 218 11.53 10.74 22.21
N ALA A 219 12.53 10.09 22.79
CA ALA A 219 13.89 10.64 22.89
C ALA A 219 14.69 10.28 21.65
N GLY A 220 14.37 9.13 21.05
CA GLY A 220 15.06 8.70 19.85
C GLY A 220 16.28 7.83 20.12
N ALA A 221 16.16 6.95 21.10
CA ALA A 221 17.26 6.07 21.50
C ALA A 221 16.87 4.60 21.77
N GLY A 222 15.91 4.41 22.67
CA GLY A 222 15.51 3.06 23.04
C GLY A 222 14.78 2.24 21.99
N ARG A 223 13.49 2.53 21.80
CA ARG A 223 12.66 1.81 20.85
C ARG A 223 13.14 2.08 19.42
N THR A 224 13.71 3.25 19.21
CA THR A 224 14.29 3.64 17.91
C THR A 224 15.46 2.65 17.65
N GLY A 225 16.31 2.45 18.67
CA GLY A 225 17.43 1.54 18.58
C GLY A 225 16.99 0.09 18.42
N CYS A 226 15.88 -0.29 19.06
CA CYS A 226 15.34 -1.64 18.94
C CYS A 226 14.91 -1.94 17.52
N PHE A 227 14.13 -1.05 16.92
CA PHE A 227 13.68 -1.22 15.55
C PHE A 227 14.92 -1.35 14.64
N ILE A 228 15.81 -0.36 14.69
CA ILE A 228 17.00 -0.34 13.87
C ILE A 228 17.89 -1.57 14.01
N VAL A 229 18.17 -2.00 15.23
CA VAL A 229 19.03 -3.18 15.41
C VAL A 229 18.35 -4.41 14.86
N ILE A 230 17.06 -4.56 15.11
CA ILE A 230 16.32 -5.71 14.61
C ILE A 230 16.34 -5.72 13.08
N ASP A 231 16.18 -4.55 12.49
CA ASP A 231 16.15 -4.40 11.06
C ASP A 231 17.46 -4.77 10.35
N ILE A 232 18.58 -4.30 10.90
CA ILE A 232 19.91 -4.57 10.37
C ILE A 232 20.24 -6.04 10.51
N MET A 233 19.96 -6.58 11.69
CA MET A 233 20.26 -7.98 11.99
C MET A 233 19.48 -9.01 11.18
N LEU A 234 18.28 -8.68 10.74
CA LEU A 234 17.54 -9.60 9.90
C LEU A 234 18.26 -9.63 8.54
N ASP A 235 18.83 -8.49 8.16
CA ASP A 235 19.56 -8.39 6.90
C ASP A 235 20.81 -9.24 6.94
N MET A 236 21.54 -9.16 8.04
CA MET A 236 22.75 -9.95 8.18
C MET A 236 22.41 -11.43 8.29
N ALA A 237 21.37 -11.76 9.07
CA ALA A 237 20.95 -13.16 9.24
C ALA A 237 20.60 -13.76 7.91
N GLU A 238 19.88 -12.99 7.11
CA GLU A 238 19.49 -13.44 5.79
C GLU A 238 20.74 -13.68 4.93
N ARG A 239 21.54 -12.64 4.75
CA ARG A 239 22.73 -12.72 3.91
C ARG A 239 23.95 -13.46 4.45
N GLU A 240 23.95 -13.86 5.71
CA GLU A 240 25.12 -14.54 6.24
C GLU A 240 24.89 -15.66 7.23
N GLY A 241 23.67 -15.85 7.71
CA GLY A 241 23.41 -16.90 8.68
C GLY A 241 24.07 -16.61 10.03
N VAL A 242 24.39 -15.34 10.27
CA VAL A 242 25.04 -14.95 11.51
C VAL A 242 24.45 -13.63 12.00
N VAL A 243 24.37 -13.48 13.32
CA VAL A 243 23.90 -12.22 13.87
C VAL A 243 24.99 -11.69 14.82
N ASP A 244 25.22 -10.38 14.79
CA ASP A 244 26.18 -9.75 15.68
C ASP A 244 25.53 -8.54 16.36
N ILE A 245 24.55 -8.85 17.21
CA ILE A 245 23.75 -7.87 17.96
C ILE A 245 24.60 -6.97 18.82
N TYR A 246 25.50 -7.55 19.63
CA TYR A 246 26.38 -6.75 20.50
C TYR A 246 27.12 -5.66 19.75
N ASN A 247 27.76 -6.02 18.65
CA ASN A 247 28.52 -5.04 17.91
C ASN A 247 27.64 -4.04 17.20
N CYS A 248 26.44 -4.48 16.84
CA CYS A 248 25.46 -3.62 16.19
C CYS A 248 25.08 -2.46 17.16
N VAL A 249 24.73 -2.81 18.40
CA VAL A 249 24.36 -1.81 19.40
C VAL A 249 25.54 -0.92 19.68
N ARG A 250 26.71 -1.52 19.84
CA ARG A 250 27.93 -0.78 20.11
C ARG A 250 28.14 0.24 19.01
N GLU A 251 27.94 -0.18 17.76
CA GLU A 251 28.08 0.73 16.63
C GLU A 251 27.01 1.83 16.63
N LEU A 252 25.74 1.50 16.89
CA LEU A 252 24.71 2.53 16.90
C LEU A 252 25.04 3.57 17.96
N ARG A 253 25.53 3.10 19.10
CA ARG A 253 25.90 3.99 20.21
C ARG A 253 27.01 4.97 19.88
N SER A 254 27.82 4.66 18.86
CA SER A 254 28.90 5.55 18.47
C SER A 254 28.30 6.69 17.67
N ARG A 255 27.13 6.43 17.11
CA ARG A 255 26.42 7.39 16.30
C ARG A 255 25.53 8.31 17.13
N ARG A 256 24.86 7.75 18.13
CA ARG A 256 23.96 8.55 18.96
C ARG A 256 23.90 7.97 20.37
N VAL A 257 23.70 8.83 21.36
CA VAL A 257 23.61 8.43 22.78
C VAL A 257 22.57 7.38 23.14
N ASN A 258 23.02 6.48 24.00
CA ASN A 258 22.19 5.43 24.59
C ASN A 258 21.19 4.62 23.77
N MET A 259 21.50 4.35 22.49
CA MET A 259 20.62 3.54 21.63
C MET A 259 20.40 2.22 22.38
N VAL A 260 19.16 1.74 22.47
CA VAL A 260 18.79 0.51 23.22
C VAL A 260 18.99 0.94 24.68
N GLN A 261 17.99 1.66 25.16
CA GLN A 261 18.03 2.30 26.44
C GLN A 261 17.94 1.50 27.69
N THR A 262 17.49 0.26 27.60
CA THR A 262 17.40 -0.57 28.77
C THR A 262 17.90 -1.95 28.46
N GLU A 263 18.23 -2.69 29.49
CA GLU A 263 18.71 -4.06 29.35
C GLU A 263 17.55 -4.93 28.84
N GLU A 264 16.34 -4.61 29.28
CA GLU A 264 15.13 -5.34 28.90
C GLU A 264 14.89 -5.18 27.41
N GLN A 265 15.18 -3.97 26.91
CA GLN A 265 15.07 -3.68 25.50
C GLN A 265 16.12 -4.51 24.78
N TYR A 266 17.33 -4.58 25.36
CA TYR A 266 18.44 -5.35 24.80
C TYR A 266 18.12 -6.84 24.68
N VAL A 267 17.49 -7.41 25.69
CA VAL A 267 17.13 -8.82 25.65
C VAL A 267 15.98 -9.04 24.66
N PHE A 268 15.08 -8.05 24.56
CA PHE A 268 13.95 -8.12 23.64
C PHE A 268 14.42 -8.25 22.19
N ILE A 269 15.52 -7.55 21.87
CA ILE A 269 16.10 -7.57 20.53
C ILE A 269 16.51 -8.99 20.17
N HIS A 270 17.02 -9.71 21.17
CA HIS A 270 17.45 -11.09 21.00
C HIS A 270 16.27 -12.00 20.80
N ASP A 271 15.21 -11.78 21.57
CA ASP A 271 13.98 -12.59 21.47
C ASP A 271 13.33 -12.40 20.10
N ALA A 272 13.33 -11.16 19.61
CA ALA A 272 12.76 -10.82 18.31
C ALA A 272 13.53 -11.44 17.15
N ILE A 273 14.84 -11.36 17.18
CA ILE A 273 15.66 -11.93 16.13
C ILE A 273 15.60 -13.44 16.18
N LEU A 274 15.53 -14.00 17.39
CA LEU A 274 15.42 -15.45 17.54
C LEU A 274 14.09 -15.93 16.93
N GLU A 275 13.01 -15.25 17.30
CA GLU A 275 11.71 -15.61 16.76
C GLU A 275 11.74 -15.55 15.24
N ALA A 276 12.26 -14.44 14.71
CA ALA A 276 12.36 -14.23 13.27
C ALA A 276 13.14 -15.36 12.63
N CYS A 277 14.25 -15.74 13.25
CA CYS A 277 15.07 -16.84 12.73
C CYS A 277 14.42 -18.21 12.89
N LEU A 278 13.61 -18.39 13.92
CA LEU A 278 12.92 -19.66 14.13
C LEU A 278 11.68 -19.64 13.25
N ALA B 1 -27.63 -23.43 -7.07
CA ALA B 1 -26.59 -23.09 -6.09
C ALA B 1 -25.82 -24.35 -5.76
N ILE B 2 -24.53 -24.19 -5.44
CA ILE B 2 -23.69 -25.32 -5.15
C ILE B 2 -23.01 -25.08 -3.83
N ARG B 3 -23.13 -26.03 -2.93
CA ARG B 3 -22.47 -25.89 -1.64
C ARG B 3 -21.00 -25.95 -2.02
N VAL B 4 -20.18 -25.10 -1.42
CA VAL B 4 -18.76 -25.11 -1.76
C VAL B 4 -18.14 -26.49 -1.55
N ALA B 5 -18.85 -27.37 -0.87
CA ALA B 5 -18.35 -28.73 -0.62
C ALA B 5 -18.69 -29.72 -1.74
N ASP B 6 -19.66 -29.38 -2.57
CA ASP B 6 -20.02 -30.25 -3.68
C ASP B 6 -19.43 -29.66 -4.94
N LEU B 7 -18.78 -28.51 -4.80
CA LEU B 7 -18.17 -27.79 -5.91
C LEU B 7 -17.26 -28.61 -6.81
N LEU B 8 -16.37 -29.41 -6.22
CA LEU B 8 -15.48 -30.24 -7.01
C LEU B 8 -16.25 -31.30 -7.80
N GLN B 9 -17.24 -31.92 -7.19
CA GLN B 9 -18.02 -32.93 -7.89
C GLN B 9 -18.78 -32.26 -9.01
N HIS B 10 -19.39 -31.12 -8.70
CA HIS B 10 -20.13 -30.36 -9.68
C HIS B 10 -19.23 -29.98 -10.86
N ILE B 11 -18.12 -29.32 -10.58
CA ILE B 11 -17.23 -28.92 -11.65
C ILE B 11 -16.80 -30.13 -12.47
N THR B 12 -16.43 -31.22 -11.80
CA THR B 12 -15.98 -32.45 -12.49
C THR B 12 -17.03 -33.01 -13.46
N GLN B 13 -18.26 -33.18 -13.00
CA GLN B 13 -19.33 -33.69 -13.85
C GLN B 13 -19.54 -32.78 -15.03
N MET B 14 -19.49 -31.47 -14.80
CA MET B 14 -19.67 -30.49 -15.87
C MET B 14 -18.61 -30.62 -16.97
N LYS B 15 -17.44 -31.14 -16.60
CA LYS B 15 -16.34 -31.32 -17.54
C LYS B 15 -16.41 -32.62 -18.35
N CYS B 16 -17.26 -33.56 -17.94
CA CYS B 16 -17.42 -34.84 -18.63
C CYS B 16 -17.83 -34.67 -20.09
N ALA B 17 -17.36 -35.60 -20.93
CA ALA B 17 -17.62 -35.61 -22.37
C ALA B 17 -17.12 -34.32 -23.02
N GLU B 18 -15.87 -33.97 -22.70
CA GLU B 18 -15.22 -32.76 -23.21
C GLU B 18 -15.97 -31.51 -22.72
N GLY B 19 -16.49 -31.59 -21.49
CA GLY B 19 -17.22 -30.50 -20.88
C GLY B 19 -18.62 -30.28 -21.44
N TYR B 20 -19.38 -31.35 -21.67
CA TYR B 20 -20.72 -31.19 -22.23
C TYR B 20 -21.59 -30.33 -21.33
N GLY B 21 -21.52 -30.61 -20.02
CA GLY B 21 -22.29 -29.86 -19.04
C GLY B 21 -22.01 -28.37 -19.13
N PHE B 22 -20.73 -28.01 -19.19
CA PHE B 22 -20.33 -26.60 -19.30
C PHE B 22 -20.71 -26.00 -20.67
N LYS B 23 -20.49 -26.75 -21.75
CA LYS B 23 -20.79 -26.33 -23.11
C LYS B 23 -22.28 -25.98 -23.24
N GLU B 24 -23.12 -26.89 -22.74
CA GLU B 24 -24.56 -26.72 -22.77
C GLU B 24 -25.01 -25.61 -21.83
N GLU B 25 -24.39 -25.52 -20.65
CA GLU B 25 -24.74 -24.49 -19.70
C GLU B 25 -24.41 -23.12 -20.28
N TYR B 26 -23.19 -22.98 -20.80
CA TYR B 26 -22.77 -21.72 -21.37
C TYR B 26 -23.67 -21.31 -22.56
N GLU B 27 -24.11 -22.30 -23.35
CA GLU B 27 -24.96 -21.99 -24.50
C GLU B 27 -26.34 -21.50 -24.08
N SER B 28 -26.71 -21.75 -22.82
CA SER B 28 -27.99 -21.31 -22.31
C SER B 28 -28.02 -19.80 -22.08
N PHE B 29 -26.85 -19.17 -21.96
CA PHE B 29 -26.78 -17.72 -21.75
C PHE B 29 -27.21 -17.01 -23.05
N PHE B 30 -27.69 -15.77 -22.96
CA PHE B 30 -28.10 -15.06 -24.16
C PHE B 30 -26.94 -14.28 -24.73
N GLU B 31 -26.51 -14.64 -25.92
CA GLU B 31 -25.42 -13.94 -26.55
C GLU B 31 -25.98 -12.78 -27.34
N GLY B 32 -25.43 -11.59 -27.10
CA GLY B 32 -25.89 -10.42 -27.81
C GLY B 32 -26.79 -9.47 -27.03
N GLN B 33 -27.30 -8.46 -27.73
CA GLN B 33 -28.18 -7.43 -27.17
C GLN B 33 -29.50 -7.99 -26.64
N SER B 34 -29.69 -7.90 -25.33
CA SER B 34 -30.89 -8.38 -24.67
C SER B 34 -31.70 -7.24 -24.05
N ALA B 35 -31.31 -6.01 -24.35
CA ALA B 35 -31.97 -4.84 -23.80
C ALA B 35 -31.61 -3.63 -24.64
N PRO B 36 -32.39 -2.54 -24.52
CA PRO B 36 -32.16 -1.30 -25.27
C PRO B 36 -30.85 -0.61 -24.91
N TRP B 37 -30.30 0.08 -25.89
CA TRP B 37 -29.08 0.84 -25.74
C TRP B 37 -29.10 1.98 -26.75
N ASP B 38 -30.21 2.71 -26.73
CA ASP B 38 -30.47 3.85 -27.60
C ASP B 38 -29.45 4.95 -27.52
N SER B 39 -28.95 5.19 -26.32
CA SER B 39 -27.96 6.24 -26.14
C SER B 39 -26.62 5.77 -26.66
N ALA B 40 -26.29 4.51 -26.40
CA ALA B 40 -25.03 3.93 -26.83
C ALA B 40 -24.92 3.89 -28.34
N LYS B 41 -26.03 3.58 -29.00
CA LYS B 41 -26.04 3.49 -30.45
C LYS B 41 -26.33 4.82 -31.14
N LYS B 42 -26.28 5.93 -30.40
CA LYS B 42 -26.49 7.23 -31.03
C LYS B 42 -25.25 7.55 -31.86
N ASP B 43 -25.44 8.11 -33.06
CA ASP B 43 -24.30 8.40 -33.92
C ASP B 43 -23.26 9.31 -33.28
N GLU B 44 -23.74 10.25 -32.48
CA GLU B 44 -22.88 11.19 -31.76
C GLU B 44 -22.08 10.53 -30.63
N ASN B 45 -22.40 9.27 -30.33
CA ASN B 45 -21.68 8.52 -29.29
C ASN B 45 -20.86 7.42 -29.91
N ARG B 46 -20.89 7.35 -31.23
CA ARG B 46 -20.20 6.30 -31.96
C ARG B 46 -18.71 6.23 -31.65
N MET B 47 -18.06 7.37 -31.54
CA MET B 47 -16.63 7.41 -31.25
C MET B 47 -16.26 7.16 -29.79
N LYS B 48 -17.24 6.82 -28.96
CA LYS B 48 -16.97 6.57 -27.53
C LYS B 48 -17.06 5.10 -27.23
N ASN B 49 -17.37 4.32 -28.26
CA ASN B 49 -17.49 2.87 -28.15
C ASN B 49 -16.32 2.23 -28.87
N ARG B 50 -15.62 1.35 -28.17
CA ARG B 50 -14.47 0.65 -28.68
C ARG B 50 -14.93 -0.43 -29.67
N TYR B 51 -15.82 -1.30 -29.21
CA TYR B 51 -16.38 -2.35 -30.07
C TYR B 51 -17.86 -2.01 -30.22
N GLY B 52 -18.29 -1.82 -31.47
CA GLY B 52 -19.67 -1.46 -31.77
C GLY B 52 -20.75 -2.42 -31.27
N ASN B 53 -20.35 -3.66 -31.04
CA ASN B 53 -21.29 -4.65 -30.57
C ASN B 53 -21.22 -4.80 -29.05
N ILE B 54 -20.19 -4.25 -28.42
CA ILE B 54 -20.11 -4.34 -26.96
C ILE B 54 -20.32 -2.93 -26.43
N ILE B 55 -21.59 -2.51 -26.40
CA ILE B 55 -21.94 -1.18 -25.92
C ILE B 55 -22.87 -1.21 -24.70
N ALA B 56 -23.09 -0.04 -24.10
CA ALA B 56 -23.87 0.09 -22.86
C ALA B 56 -25.40 0.21 -22.86
N TYR B 57 -26.05 -0.73 -22.17
CA TYR B 57 -27.53 -0.76 -22.03
C TYR B 57 -27.99 0.49 -21.32
N ASP B 58 -29.10 1.03 -21.78
CA ASP B 58 -29.72 2.24 -21.20
C ASP B 58 -30.02 2.14 -19.69
N HIS B 59 -30.74 1.09 -19.31
CA HIS B 59 -31.16 0.90 -17.94
C HIS B 59 -30.07 0.82 -16.89
N SER B 60 -28.84 0.49 -17.28
CA SER B 60 -27.79 0.38 -16.30
C SER B 60 -26.54 1.15 -16.65
N ARG B 61 -26.57 1.97 -17.69
CA ARG B 61 -25.37 2.71 -18.04
C ARG B 61 -25.00 3.76 -17.00
N VAL B 62 -23.71 4.05 -16.91
CA VAL B 62 -23.17 5.05 -15.99
C VAL B 62 -23.23 6.36 -16.73
N ARG B 63 -23.99 7.31 -16.19
CA ARG B 63 -24.14 8.62 -16.81
C ARG B 63 -23.06 9.56 -16.34
N LEU B 64 -22.68 10.46 -17.24
CA LEU B 64 -21.66 11.45 -16.96
C LEU B 64 -22.35 12.80 -16.84
N GLN B 65 -21.71 13.70 -16.11
CA GLN B 65 -22.23 15.04 -15.94
C GLN B 65 -22.05 15.69 -17.30
N THR B 66 -23.15 16.06 -17.92
CA THR B 66 -23.08 16.70 -19.22
C THR B 66 -22.17 17.91 -19.14
N ILE B 67 -21.14 17.91 -19.97
CA ILE B 67 -20.21 19.01 -20.02
C ILE B 67 -20.90 20.16 -20.70
N GLU B 68 -21.09 21.22 -19.93
CA GLU B 68 -21.74 22.47 -20.32
C GLU B 68 -21.82 22.73 -21.83
N GLY B 69 -23.06 22.88 -22.30
CA GLY B 69 -23.30 23.14 -23.70
C GLY B 69 -23.04 21.97 -24.61
N ASP B 70 -22.78 20.80 -24.02
CA ASP B 70 -22.51 19.62 -24.81
C ASP B 70 -23.53 18.51 -24.59
N THR B 71 -24.50 18.43 -25.48
CA THR B 71 -25.52 17.40 -25.44
C THR B 71 -24.75 16.12 -25.79
N ASN B 72 -25.22 14.98 -25.31
CA ASN B 72 -24.56 13.68 -25.56
C ASN B 72 -23.27 13.51 -24.77
N SER B 73 -22.86 14.51 -24.01
CA SER B 73 -21.65 14.39 -23.20
C SER B 73 -21.97 13.77 -21.84
N ASP B 74 -23.04 12.98 -21.79
CA ASP B 74 -23.45 12.28 -20.58
C ASP B 74 -23.20 10.78 -20.74
N TYR B 75 -22.55 10.41 -21.84
CA TYR B 75 -22.32 9.01 -22.14
C TYR B 75 -20.90 8.48 -22.04
N ILE B 76 -20.79 7.30 -21.44
CA ILE B 76 -19.54 6.57 -21.34
C ILE B 76 -19.97 5.12 -21.52
N ASN B 77 -19.19 4.35 -22.26
CA ASN B 77 -19.55 2.95 -22.48
C ASN B 77 -19.22 2.19 -21.23
N GLY B 78 -20.11 2.25 -20.23
CA GLY B 78 -19.87 1.56 -18.98
C GLY B 78 -21.19 1.28 -18.32
N ASN B 79 -21.25 0.20 -17.55
CA ASN B 79 -22.48 -0.18 -16.86
C ASN B 79 -22.26 -0.53 -15.40
N TYR B 80 -23.26 -0.21 -14.55
CA TYR B 80 -23.23 -0.55 -13.13
C TYR B 80 -23.58 -2.00 -12.94
N ILE B 81 -22.97 -2.63 -11.94
CA ILE B 81 -23.22 -4.03 -11.65
C ILE B 81 -23.16 -4.20 -10.12
N ASP B 82 -24.12 -4.94 -9.58
CA ASP B 82 -24.19 -5.15 -8.14
C ASP B 82 -23.11 -6.10 -7.63
N GLY B 83 -22.75 -5.88 -6.37
CA GLY B 83 -21.79 -6.72 -5.67
C GLY B 83 -22.63 -7.65 -4.80
N TYR B 84 -21.97 -8.52 -4.03
CA TYR B 84 -22.63 -9.51 -3.16
C TYR B 84 -23.88 -8.98 -2.43
N HIS B 85 -23.75 -7.89 -1.68
CA HIS B 85 -24.93 -7.30 -1.04
C HIS B 85 -24.75 -5.81 -1.08
N ARG B 86 -24.14 -5.34 -2.17
CA ARG B 86 -23.85 -3.93 -2.38
C ARG B 86 -24.33 -3.56 -3.75
N PRO B 87 -25.39 -2.74 -3.85
CA PRO B 87 -25.90 -2.35 -5.17
C PRO B 87 -24.86 -1.51 -5.91
N ASN B 88 -24.72 -1.74 -7.21
CA ASN B 88 -23.80 -0.98 -8.05
C ASN B 88 -22.39 -0.89 -7.49
N HIS B 89 -21.90 -2.02 -7.02
CA HIS B 89 -20.56 -2.08 -6.45
C HIS B 89 -19.47 -2.00 -7.54
N TYR B 90 -19.82 -2.32 -8.79
CA TYR B 90 -18.85 -2.24 -9.89
C TYR B 90 -19.39 -1.53 -11.12
N ILE B 91 -18.44 -1.11 -11.95
CA ILE B 91 -18.73 -0.44 -13.21
C ILE B 91 -17.88 -1.20 -14.22
N ALA B 92 -18.55 -1.95 -15.10
CA ALA B 92 -17.88 -2.69 -16.15
C ALA B 92 -17.75 -1.72 -17.32
N THR B 93 -16.53 -1.46 -17.77
CA THR B 93 -16.28 -0.53 -18.87
C THR B 93 -15.29 -1.08 -19.87
N GLN B 94 -15.15 -0.34 -20.97
CA GLN B 94 -14.21 -0.66 -22.02
C GLN B 94 -12.87 0.00 -21.66
N GLY B 95 -11.79 -0.46 -22.28
CA GLY B 95 -10.50 0.15 -22.03
C GLY B 95 -10.59 1.53 -22.64
N PRO B 96 -10.30 2.63 -21.89
CA PRO B 96 -10.40 3.96 -22.49
C PRO B 96 -9.73 4.05 -23.86
N MET B 97 -10.23 4.97 -24.67
CA MET B 97 -9.75 5.25 -26.02
C MET B 97 -9.18 6.65 -25.84
N GLN B 98 -8.35 7.10 -26.76
CA GLN B 98 -7.78 8.43 -26.64
C GLN B 98 -8.87 9.48 -26.51
N GLU B 99 -9.95 9.30 -27.27
CA GLU B 99 -11.08 10.23 -27.24
C GLU B 99 -11.85 10.18 -25.92
N THR B 100 -11.71 9.10 -25.18
CA THR B 100 -12.44 9.00 -23.94
C THR B 100 -11.63 8.97 -22.67
N ILE B 101 -10.36 9.39 -22.72
CA ILE B 101 -9.52 9.39 -21.52
C ILE B 101 -10.12 10.34 -20.48
N TYR B 102 -10.52 11.53 -20.93
CA TYR B 102 -11.14 12.51 -20.03
C TYR B 102 -12.47 12.03 -19.41
N ASP B 103 -13.34 11.44 -20.25
CA ASP B 103 -14.64 10.91 -19.79
C ASP B 103 -14.40 9.85 -18.71
N PHE B 104 -13.37 9.06 -18.89
CA PHE B 104 -13.00 8.01 -17.94
C PHE B 104 -12.61 8.59 -16.59
N TRP B 105 -11.70 9.57 -16.59
CA TRP B 105 -11.26 10.18 -15.34
C TRP B 105 -12.34 10.97 -14.63
N ARG B 106 -13.15 11.72 -15.39
CA ARG B 106 -14.23 12.47 -14.78
C ARG B 106 -15.27 11.53 -14.18
N MET B 107 -15.43 10.34 -14.76
CA MET B 107 -16.35 9.35 -14.21
C MET B 107 -15.77 8.85 -12.88
N VAL B 108 -14.49 8.45 -12.93
CA VAL B 108 -13.77 7.97 -11.76
C VAL B 108 -13.91 8.98 -10.62
N TRP B 109 -13.81 10.26 -10.94
CA TRP B 109 -13.91 11.31 -9.92
C TRP B 109 -15.33 11.43 -9.39
N HIS B 110 -16.28 11.61 -10.30
CA HIS B 110 -17.66 11.75 -9.94
C HIS B 110 -18.24 10.56 -9.20
N GLU B 111 -17.76 9.36 -9.50
CA GLU B 111 -18.24 8.16 -8.84
C GLU B 111 -17.48 7.88 -7.55
N ASN B 112 -16.52 8.73 -7.24
CA ASN B 112 -15.69 8.61 -6.06
C ASN B 112 -15.04 7.22 -6.01
N THR B 113 -14.57 6.74 -7.16
CA THR B 113 -13.90 5.45 -7.29
C THR B 113 -12.49 5.56 -6.68
N ALA B 114 -12.03 4.50 -6.00
CA ALA B 114 -10.69 4.49 -5.39
C ALA B 114 -9.80 3.44 -6.00
N SER B 115 -10.43 2.44 -6.63
CA SER B 115 -9.72 1.35 -7.30
C SER B 115 -10.17 1.14 -8.74
N ILE B 116 -9.18 1.08 -9.63
CA ILE B 116 -9.35 0.85 -11.07
C ILE B 116 -8.73 -0.51 -11.35
N ILE B 117 -9.52 -1.45 -11.85
CA ILE B 117 -9.03 -2.78 -12.18
C ILE B 117 -8.89 -2.91 -13.70
N MET B 118 -7.66 -3.13 -14.16
CA MET B 118 -7.35 -3.28 -15.56
C MET B 118 -6.92 -4.72 -15.75
N VAL B 119 -7.70 -5.51 -16.49
CA VAL B 119 -7.39 -6.90 -16.69
C VAL B 119 -7.11 -7.21 -18.16
N THR B 120 -6.32 -6.36 -18.80
CA THR B 120 -5.93 -6.56 -20.18
C THR B 120 -4.55 -5.91 -20.31
N ASN B 121 -3.75 -6.38 -21.26
CA ASN B 121 -2.45 -5.76 -21.50
C ASN B 121 -2.70 -4.72 -22.57
N LEU B 122 -1.81 -3.73 -22.69
CA LEU B 122 -1.99 -2.68 -23.68
C LEU B 122 -2.05 -3.17 -25.13
N VAL B 123 -1.21 -4.15 -25.46
CA VAL B 123 -1.26 -4.71 -26.82
C VAL B 123 -1.15 -6.23 -26.68
N GLU B 124 -2.00 -6.93 -27.39
CA GLU B 124 -2.02 -8.39 -27.35
C GLU B 124 -2.19 -8.86 -28.76
N VAL B 125 -1.37 -9.83 -29.14
CA VAL B 125 -1.35 -10.42 -30.48
C VAL B 125 -1.25 -9.31 -31.54
N GLY B 126 -0.46 -8.28 -31.24
CA GLY B 126 -0.26 -7.19 -32.18
C GLY B 126 -1.30 -6.10 -32.19
N ARG B 127 -2.37 -6.32 -31.44
CA ARG B 127 -3.46 -5.36 -31.36
C ARG B 127 -3.47 -4.50 -30.09
N VAL B 128 -3.74 -3.21 -30.28
CA VAL B 128 -3.82 -2.23 -29.22
C VAL B 128 -5.20 -2.45 -28.57
N LYS B 129 -5.19 -2.90 -27.32
CA LYS B 129 -6.39 -3.21 -26.55
C LYS B 129 -6.95 -2.09 -25.69
N CYS B 130 -6.12 -1.10 -25.41
CA CYS B 130 -6.53 -0.02 -24.54
C CYS B 130 -5.45 1.01 -24.68
N CYS B 131 -5.81 2.30 -24.65
CA CYS B 131 -4.78 3.32 -24.72
C CYS B 131 -4.17 3.56 -23.31
N LYS B 132 -2.96 4.10 -23.25
CA LYS B 132 -2.36 4.35 -21.95
C LYS B 132 -3.02 5.64 -21.43
N TYR B 133 -4.08 5.46 -20.62
CA TYR B 133 -4.86 6.58 -20.08
C TYR B 133 -4.30 7.20 -18.80
N TRP B 134 -3.19 6.66 -18.29
CA TRP B 134 -2.61 7.19 -17.07
C TRP B 134 -1.21 7.73 -17.39
N PRO B 135 -0.68 8.63 -16.53
CA PRO B 135 0.65 9.18 -16.80
C PRO B 135 1.79 8.43 -16.14
N ASP B 136 2.99 8.58 -16.69
CA ASP B 136 4.17 7.93 -16.14
C ASP B 136 4.77 8.78 -15.02
N ASP B 137 4.43 10.07 -15.02
CA ASP B 137 4.85 11.02 -14.02
C ASP B 137 3.58 11.76 -13.60
N THR B 138 3.20 12.76 -14.37
CA THR B 138 2.01 13.53 -14.09
C THR B 138 1.40 14.08 -15.37
N GLU B 139 0.10 14.27 -15.34
CA GLU B 139 -0.62 14.78 -16.49
C GLU B 139 -1.95 15.41 -16.09
N ILE B 140 -2.32 16.48 -16.78
CA ILE B 140 -3.55 17.19 -16.53
C ILE B 140 -4.52 16.91 -17.68
N TYR B 141 -5.62 16.25 -17.36
CA TYR B 141 -6.66 15.91 -18.31
C TYR B 141 -7.79 16.90 -18.10
N LYS B 142 -7.69 18.04 -18.77
CA LYS B 142 -8.66 19.13 -18.68
C LYS B 142 -8.59 19.73 -17.29
N ASP B 143 -9.41 19.26 -16.36
CA ASP B 143 -9.40 19.80 -15.00
C ASP B 143 -9.05 18.75 -13.94
N ILE B 144 -8.69 17.55 -14.39
CA ILE B 144 -8.31 16.47 -13.50
C ILE B 144 -6.81 16.23 -13.62
N LYS B 145 -6.08 16.41 -12.53
CA LYS B 145 -4.65 16.18 -12.53
C LYS B 145 -4.36 14.79 -11.93
N VAL B 146 -3.54 14.00 -12.61
CA VAL B 146 -3.20 12.66 -12.16
C VAL B 146 -1.66 12.53 -12.01
N THR B 147 -1.22 12.21 -10.80
CA THR B 147 0.21 12.06 -10.54
C THR B 147 0.55 10.66 -10.04
N LEU B 148 1.46 9.98 -10.77
CA LEU B 148 1.91 8.66 -10.40
C LEU B 148 2.75 8.85 -9.13
N ILE B 149 2.36 8.17 -8.06
CA ILE B 149 2.97 8.27 -6.74
C ILE B 149 3.72 7.01 -6.27
N GLU B 150 3.44 5.89 -6.91
CA GLU B 150 4.12 4.66 -6.60
C GLU B 150 3.79 3.62 -7.65
N THR B 151 4.69 2.64 -7.80
CA THR B 151 4.53 1.52 -8.73
C THR B 151 5.10 0.31 -8.00
N GLU B 152 4.26 -0.71 -7.84
CA GLU B 152 4.67 -1.94 -7.17
C GLU B 152 4.47 -3.12 -8.12
N LEU B 153 5.58 -3.76 -8.44
CA LEU B 153 5.60 -4.86 -9.37
C LEU B 153 5.59 -6.17 -8.66
N LEU B 154 4.70 -7.03 -9.09
CA LEU B 154 4.59 -8.37 -8.56
C LEU B 154 4.53 -9.36 -9.72
N ALA B 155 4.54 -10.63 -9.38
CA ALA B 155 4.51 -11.71 -10.37
C ALA B 155 3.60 -11.51 -11.58
N GLU B 156 2.29 -11.45 -11.36
CA GLU B 156 1.36 -11.32 -12.46
C GLU B 156 0.55 -10.04 -12.49
N TYR B 157 1.03 -9.02 -11.79
CA TYR B 157 0.30 -7.77 -11.81
C TYR B 157 1.17 -6.66 -11.26
N VAL B 158 0.76 -5.42 -11.50
CA VAL B 158 1.45 -4.24 -11.03
C VAL B 158 0.42 -3.37 -10.33
N ILE B 159 0.80 -2.69 -9.25
CA ILE B 159 -0.13 -1.77 -8.59
C ILE B 159 0.42 -0.35 -8.80
N ARG B 160 -0.34 0.50 -9.50
CA ARG B 160 0.06 1.89 -9.70
C ARG B 160 -0.80 2.78 -8.79
N THR B 161 -0.16 3.55 -7.92
CA THR B 161 -0.87 4.42 -7.01
C THR B 161 -0.84 5.84 -7.51
N PHE B 162 -1.98 6.53 -7.50
CA PHE B 162 -2.03 7.90 -8.00
C PHE B 162 -2.55 8.90 -6.98
N ALA B 163 -2.14 10.16 -7.17
CA ALA B 163 -2.58 11.28 -6.34
C ALA B 163 -3.41 12.04 -7.37
N VAL B 164 -4.73 11.97 -7.22
CA VAL B 164 -5.63 12.60 -8.17
C VAL B 164 -6.29 13.85 -7.61
N GLU B 165 -6.34 14.91 -8.42
CA GLU B 165 -6.88 16.20 -7.99
C GLU B 165 -7.78 16.83 -9.03
N LYS B 166 -8.80 17.57 -8.59
CA LYS B 166 -9.74 18.23 -9.50
C LYS B 166 -9.55 19.73 -9.28
N ARG B 167 -9.66 20.54 -10.33
CA ARG B 167 -9.48 21.98 -10.17
C ARG B 167 -10.57 22.62 -9.29
N GLY B 168 -10.11 23.42 -8.33
CA GLY B 168 -10.99 24.11 -7.42
C GLY B 168 -11.54 23.29 -6.28
N VAL B 169 -11.19 22.00 -6.23
CA VAL B 169 -11.67 21.14 -5.16
C VAL B 169 -10.41 20.88 -4.34
N HIS B 170 -10.39 21.40 -3.12
CA HIS B 170 -9.23 21.24 -2.23
C HIS B 170 -9.23 19.85 -1.63
N GLU B 171 -8.78 18.90 -2.45
CA GLU B 171 -8.74 17.51 -2.05
C GLU B 171 -7.71 16.79 -2.93
N ILE B 172 -7.12 15.75 -2.37
CA ILE B 172 -6.14 14.93 -3.07
C ILE B 172 -6.59 13.51 -2.74
N ARG B 173 -6.94 12.74 -3.77
CA ARG B 173 -7.42 11.37 -3.57
C ARG B 173 -6.43 10.35 -4.04
N GLU B 174 -6.29 9.29 -3.27
CA GLU B 174 -5.39 8.23 -3.64
C GLU B 174 -6.23 7.23 -4.40
N ILE B 175 -5.88 7.01 -5.67
CA ILE B 175 -6.61 6.03 -6.49
C ILE B 175 -5.61 5.04 -7.02
N ARG B 176 -5.84 3.76 -6.77
CA ARG B 176 -4.94 2.72 -7.23
C ARG B 176 -5.49 1.97 -8.43
N GLN B 177 -4.60 1.69 -9.39
CA GLN B 177 -4.93 0.93 -10.58
C GLN B 177 -4.27 -0.43 -10.37
N PHE B 178 -5.07 -1.48 -10.37
CA PHE B 178 -4.59 -2.83 -10.19
C PHE B 178 -4.59 -3.41 -11.60
N HIS B 179 -3.39 -3.48 -12.18
CA HIS B 179 -3.18 -3.97 -13.54
C HIS B 179 -2.75 -5.41 -13.57
N PHE B 180 -3.68 -6.33 -13.82
CA PHE B 180 -3.34 -7.74 -13.93
C PHE B 180 -2.70 -7.94 -15.32
N THR B 181 -1.43 -8.34 -15.31
CA THR B 181 -0.66 -8.56 -16.53
C THR B 181 -0.50 -10.05 -16.83
N GLY B 182 -1.00 -10.91 -15.94
CA GLY B 182 -0.84 -12.33 -16.16
C GLY B 182 -1.86 -13.08 -17.00
N TRP B 183 -2.69 -12.39 -17.76
CA TRP B 183 -3.66 -13.12 -18.57
C TRP B 183 -3.05 -13.38 -19.94
N PRO B 184 -2.99 -14.65 -20.36
CA PRO B 184 -2.43 -15.08 -21.63
C PRO B 184 -3.04 -14.49 -22.91
N ASP B 185 -2.17 -14.38 -23.92
CA ASP B 185 -2.49 -13.87 -25.25
C ASP B 185 -3.69 -14.58 -25.86
N HIS B 186 -3.97 -15.77 -25.34
CA HIS B 186 -5.06 -16.57 -25.85
C HIS B 186 -5.53 -17.46 -24.71
N GLY B 187 -6.79 -17.86 -24.76
CA GLY B 187 -7.33 -18.71 -23.73
C GLY B 187 -7.43 -17.97 -22.42
N VAL B 188 -7.29 -18.72 -21.33
CA VAL B 188 -7.39 -18.20 -19.96
C VAL B 188 -6.15 -18.70 -19.19
N PRO B 189 -5.88 -18.12 -17.99
CA PRO B 189 -4.70 -18.58 -17.23
C PRO B 189 -4.68 -20.09 -16.97
N TYR B 190 -3.48 -20.66 -17.01
CA TYR B 190 -3.24 -22.08 -16.76
C TYR B 190 -3.49 -22.38 -15.27
N HIS B 191 -3.21 -21.41 -14.42
CA HIS B 191 -3.43 -21.54 -12.97
C HIS B 191 -4.25 -20.32 -12.61
N ALA B 192 -5.31 -20.52 -11.84
CA ALA B 192 -6.14 -19.40 -11.41
C ALA B 192 -5.42 -18.72 -10.25
N THR B 193 -4.36 -19.35 -9.75
CA THR B 193 -3.58 -18.85 -8.61
C THR B 193 -3.24 -17.37 -8.64
N GLY B 194 -2.71 -16.90 -9.77
CA GLY B 194 -2.32 -15.51 -9.91
C GLY B 194 -3.45 -14.52 -9.83
N LEU B 195 -4.55 -14.80 -10.54
CA LEU B 195 -5.72 -13.94 -10.54
C LEU B 195 -6.38 -13.96 -9.16
N LEU B 196 -6.30 -15.09 -8.48
CA LEU B 196 -6.84 -15.24 -7.13
C LEU B 196 -6.04 -14.35 -6.19
N GLY B 197 -4.73 -14.37 -6.35
CA GLY B 197 -3.87 -13.52 -5.53
C GLY B 197 -4.21 -12.07 -5.82
N PHE B 198 -4.41 -11.72 -7.10
CA PHE B 198 -4.77 -10.35 -7.52
C PHE B 198 -6.10 -9.88 -6.87
N VAL B 199 -7.11 -10.76 -6.88
CA VAL B 199 -8.43 -10.44 -6.30
C VAL B 199 -8.33 -10.07 -4.81
N ARG B 200 -7.60 -10.86 -4.04
CA ARG B 200 -7.41 -10.62 -2.60
C ARG B 200 -6.68 -9.32 -2.32
N GLN B 201 -5.78 -8.93 -3.22
CA GLN B 201 -5.04 -7.68 -3.07
C GLN B 201 -6.05 -6.55 -3.28
N VAL B 202 -6.91 -6.69 -4.28
CA VAL B 202 -7.89 -5.65 -4.53
C VAL B 202 -8.87 -5.53 -3.36
N LYS B 203 -9.39 -6.66 -2.89
CA LYS B 203 -10.35 -6.69 -1.77
C LYS B 203 -9.73 -6.08 -0.50
N SER B 204 -8.50 -6.49 -0.20
CA SER B 204 -7.81 -6.01 0.99
C SER B 204 -7.48 -4.53 0.91
N LYS B 205 -6.92 -4.09 -0.20
CA LYS B 205 -6.55 -2.69 -0.35
C LYS B 205 -7.68 -1.68 -0.57
N SER B 206 -8.80 -2.12 -1.14
CA SER B 206 -9.92 -1.22 -1.43
C SER B 206 -10.73 -0.71 -0.22
N PRO B 207 -10.73 0.63 -0.01
CA PRO B 207 -11.45 1.30 1.08
C PRO B 207 -12.96 0.99 1.01
N PRO B 208 -13.51 0.38 2.08
CA PRO B 208 -14.93 -0.01 2.18
C PRO B 208 -15.88 1.17 2.18
N SER B 209 -15.31 2.38 2.12
CA SER B 209 -16.08 3.61 2.12
C SER B 209 -16.10 4.30 0.74
N ALA B 210 -15.33 3.80 -0.22
CA ALA B 210 -15.30 4.43 -1.54
C ALA B 210 -16.43 4.04 -2.51
N GLY B 211 -16.43 4.68 -3.66
CA GLY B 211 -17.42 4.41 -4.69
C GLY B 211 -17.16 3.06 -5.33
N PRO B 212 -17.90 2.71 -6.40
CA PRO B 212 -17.73 1.43 -7.08
C PRO B 212 -16.37 1.24 -7.73
N LEU B 213 -15.96 -0.03 -7.84
CA LEU B 213 -14.71 -0.39 -8.47
C LEU B 213 -14.93 -0.32 -10.01
N VAL B 214 -14.03 0.37 -10.71
CA VAL B 214 -14.11 0.48 -12.16
C VAL B 214 -13.28 -0.69 -12.69
N VAL B 215 -13.91 -1.59 -13.44
CA VAL B 215 -13.24 -2.76 -14.00
C VAL B 215 -13.26 -2.62 -15.49
N HIS B 216 -12.16 -2.97 -16.14
CA HIS B 216 -12.08 -2.90 -17.58
C HIS B 216 -10.98 -3.77 -18.14
N CYS B 217 -11.24 -4.24 -19.36
CA CYS B 217 -10.29 -5.03 -20.13
C CYS B 217 -10.27 -4.19 -21.40
N SER B 218 -10.55 -4.79 -22.56
CA SER B 218 -10.56 -4.05 -23.82
C SER B 218 -12.01 -3.63 -24.17
N ALA B 219 -12.89 -4.61 -24.31
CA ALA B 219 -14.30 -4.36 -24.63
C ALA B 219 -15.09 -4.12 -23.35
N GLY B 220 -14.66 -4.74 -22.26
CA GLY B 220 -15.33 -4.59 -20.98
C GLY B 220 -16.43 -5.62 -20.72
N ALA B 221 -16.17 -6.87 -21.13
CA ALA B 221 -17.13 -7.96 -20.97
C ALA B 221 -16.55 -9.28 -20.47
N GLY B 222 -15.54 -9.80 -21.17
CA GLY B 222 -14.97 -11.09 -20.82
C GLY B 222 -14.19 -11.15 -19.53
N ARG B 223 -12.95 -10.66 -19.55
CA ARG B 223 -12.07 -10.67 -18.39
C ARG B 223 -12.62 -9.78 -17.29
N THR B 224 -13.34 -8.74 -17.69
CA THR B 224 -14.00 -7.82 -16.75
C THR B 224 -15.06 -8.67 -15.98
N GLY B 225 -15.84 -9.46 -16.73
CA GLY B 225 -16.84 -10.34 -16.14
C GLY B 225 -16.23 -11.43 -15.27
N CYS B 226 -15.07 -11.94 -15.67
CA CYS B 226 -14.38 -12.95 -14.90
C CYS B 226 -13.96 -12.43 -13.54
N PHE B 227 -13.31 -11.26 -13.51
CA PHE B 227 -12.89 -10.65 -12.26
C PHE B 227 -14.13 -10.45 -11.37
N ILE B 228 -15.13 -9.74 -11.89
CA ILE B 228 -16.35 -9.45 -11.15
C ILE B 228 -17.08 -10.69 -10.61
N VAL B 229 -17.27 -11.71 -11.43
CA VAL B 229 -17.96 -12.91 -10.97
C VAL B 229 -17.16 -13.60 -9.87
N ILE B 230 -15.84 -13.69 -10.06
CA ILE B 230 -14.98 -14.32 -9.06
C ILE B 230 -15.05 -13.54 -7.74
N ASP B 231 -15.05 -12.22 -7.85
CA ASP B 231 -15.09 -11.37 -6.69
C ASP B 231 -16.38 -11.49 -5.85
N ILE B 232 -17.53 -11.51 -6.53
CA ILE B 232 -18.83 -11.62 -5.89
C ILE B 232 -18.98 -12.99 -5.25
N MET B 233 -18.60 -14.02 -5.99
CA MET B 233 -18.69 -15.39 -5.53
C MET B 233 -17.84 -15.76 -4.32
N LEU B 234 -16.69 -15.10 -4.16
CA LEU B 234 -15.87 -15.38 -2.98
C LEU B 234 -16.63 -14.79 -1.79
N ASP B 235 -17.35 -13.69 -2.02
CA ASP B 235 -18.14 -13.05 -0.97
C ASP B 235 -19.27 -13.95 -0.52
N MET B 236 -19.97 -14.54 -1.48
CA MET B 236 -21.06 -15.44 -1.16
C MET B 236 -20.54 -16.70 -0.50
N ALA B 237 -19.45 -17.25 -1.03
CA ALA B 237 -18.85 -18.48 -0.49
C ALA B 237 -18.47 -18.27 0.96
N GLU B 238 -17.87 -17.10 1.22
CA GLU B 238 -17.47 -16.77 2.57
C GLU B 238 -18.72 -16.68 3.48
N ARG B 239 -19.65 -15.80 3.12
CA ARG B 239 -20.84 -15.59 3.93
C ARG B 239 -21.95 -16.65 3.88
N GLU B 240 -21.85 -17.63 3.00
CA GLU B 240 -22.92 -18.63 2.93
C GLU B 240 -22.52 -20.06 2.65
N GLY B 241 -21.26 -20.31 2.30
CA GLY B 241 -20.84 -21.66 1.99
C GLY B 241 -21.48 -22.19 0.71
N VAL B 242 -21.96 -21.28 -0.13
CA VAL B 242 -22.59 -21.66 -1.38
C VAL B 242 -22.16 -20.73 -2.49
N VAL B 243 -22.04 -21.25 -3.70
CA VAL B 243 -21.73 -20.41 -4.85
C VAL B 243 -22.83 -20.58 -5.89
N ASP B 244 -23.22 -19.48 -6.54
CA ASP B 244 -24.24 -19.53 -7.58
C ASP B 244 -23.71 -18.76 -8.80
N ILE B 245 -22.67 -19.33 -9.41
CA ILE B 245 -21.97 -18.80 -10.58
C ILE B 245 -22.90 -18.57 -11.77
N TYR B 246 -23.70 -19.58 -12.12
CA TYR B 246 -24.63 -19.46 -13.25
C TYR B 246 -25.53 -18.24 -13.14
N ASN B 247 -26.16 -18.07 -11.99
CA ASN B 247 -27.05 -16.95 -11.84
C ASN B 247 -26.33 -15.63 -11.76
N CYS B 248 -25.10 -15.67 -11.26
CA CYS B 248 -24.26 -14.47 -11.18
C CYS B 248 -23.99 -13.95 -12.62
N VAL B 249 -23.56 -14.83 -13.52
CA VAL B 249 -23.27 -14.44 -14.90
C VAL B 249 -24.54 -13.97 -15.56
N ARG B 250 -25.62 -14.72 -15.34
CA ARG B 250 -26.92 -14.38 -15.91
C ARG B 250 -27.29 -12.97 -15.49
N GLU B 251 -27.08 -12.65 -14.21
CA GLU B 251 -27.37 -11.33 -13.71
C GLU B 251 -26.44 -10.26 -14.30
N LEU B 252 -25.14 -10.53 -14.40
CA LEU B 252 -24.24 -9.52 -14.97
C LEU B 252 -24.66 -9.22 -16.40
N ARG B 253 -25.05 -10.27 -17.12
CA ARG B 253 -25.48 -10.12 -18.51
C ARG B 253 -26.73 -9.25 -18.69
N SER B 254 -27.52 -9.11 -17.63
CA SER B 254 -28.72 -8.27 -17.71
C SER B 254 -28.29 -6.83 -17.63
N ARG B 255 -27.12 -6.63 -17.06
CA ARG B 255 -26.56 -5.29 -16.89
C ARG B 255 -25.76 -4.83 -18.10
N ARG B 256 -24.98 -5.73 -18.70
CA ARG B 256 -24.17 -5.37 -19.85
C ARG B 256 -23.98 -6.58 -20.76
N VAL B 257 -23.86 -6.33 -22.06
CA VAL B 257 -23.68 -7.39 -23.07
C VAL B 257 -22.50 -8.33 -22.88
N ASN B 258 -22.81 -9.60 -23.15
CA ASN B 258 -21.84 -10.69 -23.14
C ASN B 258 -20.77 -10.84 -22.06
N MET B 259 -21.08 -10.45 -20.82
CA MET B 259 -20.14 -10.59 -19.69
C MET B 259 -19.75 -12.07 -19.67
N VAL B 260 -18.44 -12.37 -19.52
CA VAL B 260 -17.91 -13.75 -19.55
C VAL B 260 -18.12 -14.15 -21.02
N GLN B 261 -17.19 -13.67 -21.84
CA GLN B 261 -17.26 -13.78 -23.26
C GLN B 261 -17.03 -15.10 -23.93
N THR B 262 -16.44 -16.04 -23.23
CA THR B 262 -16.20 -17.34 -23.82
C THR B 262 -16.53 -18.41 -22.82
N GLU B 263 -16.74 -19.62 -23.32
CA GLU B 263 -17.05 -20.75 -22.48
C GLU B 263 -15.82 -21.09 -21.65
N GLU B 264 -14.63 -20.89 -22.22
CA GLU B 264 -13.36 -21.17 -21.56
C GLU B 264 -13.19 -20.24 -20.38
N GLN B 265 -13.65 -19.01 -20.56
CA GLN B 265 -13.62 -18.02 -19.49
C GLN B 265 -14.58 -18.49 -18.41
N TYR B 266 -15.75 -18.99 -18.84
CA TYR B 266 -16.78 -19.49 -17.93
C TYR B 266 -16.28 -20.66 -17.07
N VAL B 267 -15.55 -21.58 -17.66
CA VAL B 267 -15.03 -22.72 -16.92
C VAL B 267 -13.90 -22.25 -15.98
N PHE B 268 -13.12 -21.26 -16.45
CA PHE B 268 -12.03 -20.70 -15.66
C PHE B 268 -12.53 -20.12 -14.34
N ILE B 269 -13.72 -19.51 -14.38
CA ILE B 269 -14.34 -18.90 -13.19
C ILE B 269 -14.58 -19.98 -12.15
N HIS B 270 -14.96 -21.16 -12.62
CA HIS B 270 -15.22 -22.30 -11.74
C HIS B 270 -13.94 -22.83 -11.15
N ASP B 271 -12.89 -22.90 -11.97
CA ASP B 271 -11.59 -23.39 -11.51
C ASP B 271 -11.01 -22.45 -10.46
N ALA B 272 -11.17 -21.15 -10.66
CA ALA B 272 -10.70 -20.13 -9.74
C ALA B 272 -11.42 -20.15 -8.41
N ILE B 273 -12.74 -20.27 -8.43
CA ILE B 273 -13.52 -20.30 -7.22
C ILE B 273 -13.27 -21.60 -6.48
N LEU B 274 -13.09 -22.69 -7.23
CA LEU B 274 -12.80 -23.99 -6.62
C LEU B 274 -11.43 -23.91 -5.90
N GLU B 275 -10.43 -23.41 -6.60
CA GLU B 275 -9.12 -23.27 -5.99
C GLU B 275 -9.21 -22.43 -4.72
N ALA B 276 -9.88 -21.29 -4.81
CA ALA B 276 -10.05 -20.38 -3.68
C ALA B 276 -10.71 -21.12 -2.54
N CYS B 277 -11.74 -21.89 -2.83
CA CYS B 277 -12.43 -22.65 -1.80
C CYS B 277 -11.61 -23.82 -1.25
N LEU B 278 -10.76 -24.41 -2.08
CA LEU B 278 -9.91 -25.51 -1.63
C LEU B 278 -8.72 -24.89 -0.92
#